data_2PAJ
#
_entry.id   2PAJ
#
_cell.length_a   88.872
_cell.length_b   88.872
_cell.length_c   161.867
_cell.angle_alpha   90.00
_cell.angle_beta   90.00
_cell.angle_gamma   120.00
#
_symmetry.space_group_name_H-M   'P 31 2 1'
#
loop_
_entity.id
_entity.type
_entity.pdbx_description
1 polymer 'putative cytosine/guanine deaminase'
2 non-polymer 'ZINC ION'
3 water water
#
_entity_poly.entity_id   1
_entity_poly.type   'polypeptide(L)'
_entity_poly.pdbx_seq_one_letter_code
;MSLTTYDTQPSTLIRNAAAIMTGGRGTADDPSRVPGPDIRIVGDTIDAIGALAPRPGETIVDATDCVIYPAWVNTHHHLF
QSLLKGEPAGLDATLTPWLAATPYRFRALFDERRFRLAARIGLIELARSGCATVADHNYVYYPGMPFDSSAILFEEAEKL
GLRFVLLRGGATQTRQLEADLPTALRPETLDAYVADIERLAARYHDASPRAMRRVVMAPTTVLYSISPREMRETAAVARR
LGLRMHSHLSETVGYQDSAYSMYGKSPVAFCGEHDWLGSDVWYAHLVKVDADEIALLAQTGTGVAHCPQSNGRLGSGICP
VREMADAGVPVSIGVDGAASNEAADMISEVHMTWLAQRARLGMLAQPAYRGGSFEGGAGAASIAEVIHWGTAGGARVMGL
DEVGKVAVGYAADIAVYRLDDPRYFGLHDPAIGPVASGGRPSVMALFSAGKRVVVDDLIEGVDIKELGGEARRVVRELLR
EVVVEGHHHHHH
;
_entity_poly.pdbx_strand_id   A
#
loop_
_chem_comp.id
_chem_comp.type
_chem_comp.name
_chem_comp.formula
ZN non-polymer 'ZINC ION' 'Zn 2'
#
# COMPACT_ATOMS: atom_id res chain seq x y z
N PRO A 10 -6.67 6.90 27.74
CA PRO A 10 -6.32 6.41 26.39
C PRO A 10 -6.65 4.92 26.25
N SER A 11 -7.95 4.61 26.40
CA SER A 11 -8.43 3.24 26.27
C SER A 11 -9.72 3.27 25.49
N THR A 12 -9.94 2.25 24.68
CA THR A 12 -11.15 2.23 23.89
C THR A 12 -11.70 0.83 23.76
N LEU A 13 -13.03 0.72 23.72
CA LEU A 13 -13.65 -0.57 23.59
C LEU A 13 -14.64 -0.60 22.43
N ILE A 14 -14.30 -1.41 21.43
CA ILE A 14 -15.16 -1.59 20.27
C ILE A 14 -16.03 -2.76 20.73
N ARG A 15 -17.34 -2.54 20.79
CA ARG A 15 -18.23 -3.58 21.29
C ARG A 15 -19.25 -4.13 20.30
N ASN A 16 -19.59 -5.39 20.54
CA ASN A 16 -20.62 -6.10 19.80
C ASN A 16 -20.46 -6.19 18.28
N ALA A 17 -19.30 -6.64 17.83
CA ALA A 17 -19.06 -6.76 16.39
C ALA A 17 -19.78 -7.99 15.83
N ALA A 18 -20.32 -7.87 14.62
CA ALA A 18 -21.03 -8.95 13.97
C ALA A 18 -20.05 -10.00 13.47
N ALA A 19 -18.82 -9.57 13.19
CA ALA A 19 -17.77 -10.47 12.70
C ALA A 19 -16.38 -9.84 12.85
N ILE A 20 -15.38 -10.68 13.05
CA ILE A 20 -14.00 -10.24 13.20
C ILE A 20 -13.00 -11.08 12.40
N MET A 21 -12.51 -10.53 11.29
CA MET A 21 -11.51 -11.24 10.50
C MET A 21 -10.11 -10.84 11.00
N THR A 22 -9.29 -11.84 11.29
CA THR A 22 -7.96 -11.62 11.84
C THR A 22 -6.84 -11.33 10.86
N GLY A 23 -7.03 -11.68 9.60
CA GLY A 23 -5.98 -11.46 8.64
C GLY A 23 -4.92 -12.52 8.87
N GLY A 24 -5.36 -13.66 9.41
CA GLY A 24 -4.47 -14.76 9.68
C GLY A 24 -4.46 -15.75 8.53
N ARG A 25 -3.44 -16.58 8.47
CA ARG A 25 -3.32 -17.59 7.41
C ARG A 25 -4.40 -18.65 7.49
N GLY A 26 -5.36 -18.46 8.39
CA GLY A 26 -6.44 -19.42 8.54
C GLY A 26 -6.13 -20.79 9.11
N THR A 27 -4.96 -20.97 9.71
CA THR A 27 -4.64 -22.27 10.28
C THR A 27 -5.08 -22.36 11.73
N ALA A 28 -4.88 -23.53 12.34
CA ALA A 28 -5.25 -23.73 13.73
C ALA A 28 -4.32 -22.89 14.59
N ASP A 29 -3.12 -22.67 14.06
CA ASP A 29 -2.10 -21.88 14.74
C ASP A 29 -2.42 -20.41 14.54
N ASP A 30 -2.85 -20.09 13.32
CA ASP A 30 -3.16 -18.72 12.94
C ASP A 30 -4.53 -18.57 12.30
N PRO A 31 -5.59 -18.52 13.13
CA PRO A 31 -6.99 -18.38 12.68
C PRO A 31 -7.28 -17.11 11.86
N SER A 32 -8.10 -17.24 10.82
CA SER A 32 -8.43 -16.14 9.94
C SER A 32 -9.63 -15.35 10.41
N ARG A 33 -10.45 -16.00 11.21
CA ARG A 33 -11.65 -15.37 11.74
C ARG A 33 -11.69 -15.77 13.20
N VAL A 34 -11.93 -14.80 14.08
CA VAL A 34 -11.99 -15.14 15.48
C VAL A 34 -13.39 -14.90 16.01
N PRO A 35 -14.18 -15.97 16.11
CA PRO A 35 -15.51 -15.65 16.64
C PRO A 35 -15.27 -15.16 18.07
N GLY A 36 -15.47 -13.86 18.26
CA GLY A 36 -15.28 -13.19 19.54
C GLY A 36 -16.09 -11.95 19.34
N PRO A 37 -16.45 -11.17 20.37
CA PRO A 37 -17.25 -9.98 19.98
C PRO A 37 -16.68 -8.58 20.20
N ASP A 38 -15.99 -8.34 21.32
CA ASP A 38 -15.46 -7.00 21.57
C ASP A 38 -13.95 -6.92 21.43
N ILE A 39 -13.43 -5.70 21.39
CA ILE A 39 -11.99 -5.46 21.28
C ILE A 39 -11.54 -4.24 22.08
N ARG A 40 -10.59 -4.45 22.99
CA ARG A 40 -10.06 -3.37 23.82
C ARG A 40 -8.72 -2.86 23.27
N ILE A 41 -8.59 -1.55 23.21
CA ILE A 41 -7.36 -0.93 22.72
C ILE A 41 -6.78 0.00 23.78
N VAL A 42 -5.51 -0.20 24.10
CA VAL A 42 -4.84 0.68 25.05
C VAL A 42 -3.64 1.29 24.33
N GLY A 43 -3.75 2.58 24.06
CA GLY A 43 -2.67 3.25 23.35
C GLY A 43 -2.72 2.88 21.89
N ASP A 44 -1.64 2.31 21.40
CA ASP A 44 -1.53 1.93 20.00
C ASP A 44 -1.60 0.42 19.86
N THR A 45 -1.99 -0.27 20.92
CA THR A 45 -2.02 -1.73 20.85
C THR A 45 -3.36 -2.37 21.16
N ILE A 46 -3.57 -3.55 20.56
CA ILE A 46 -4.76 -4.33 20.78
C ILE A 46 -4.51 -5.04 22.07
N ASP A 47 -5.33 -4.72 23.07
CA ASP A 47 -5.18 -5.28 24.39
C ASP A 47 -5.90 -6.60 24.64
N ALA A 48 -7.07 -6.78 24.03
CA ALA A 48 -7.82 -8.00 24.22
C ALA A 48 -8.90 -8.21 23.17
N ILE A 49 -9.35 -9.46 23.07
CA ILE A 49 -10.37 -9.81 22.12
C ILE A 49 -11.37 -10.85 22.67
N GLY A 50 -12.66 -10.53 22.56
CA GLY A 50 -13.70 -11.45 22.98
C GLY A 50 -14.31 -11.37 24.36
N ALA A 51 -15.56 -10.93 24.43
CA ALA A 51 -16.28 -10.87 25.70
C ALA A 51 -15.60 -9.99 26.76
N LEU A 52 -15.60 -8.68 26.55
CA LEU A 52 -14.98 -7.72 27.46
C LEU A 52 -16.01 -6.77 28.08
N ALA A 53 -15.90 -6.55 29.38
CA ALA A 53 -16.82 -5.65 30.07
C ALA A 53 -16.28 -4.22 30.04
N PRO A 54 -17.14 -3.24 29.70
CA PRO A 54 -16.67 -1.86 29.64
C PRO A 54 -16.02 -1.37 30.93
N ARG A 55 -15.18 -0.36 30.80
CA ARG A 55 -14.49 0.21 31.96
C ARG A 55 -14.88 1.67 32.18
N PRO A 56 -14.83 2.11 33.44
CA PRO A 56 -15.20 3.49 33.73
C PRO A 56 -14.35 4.49 32.95
N GLY A 57 -15.02 5.50 32.40
CA GLY A 57 -14.35 6.55 31.65
C GLY A 57 -13.70 6.11 30.36
N GLU A 58 -13.88 4.84 30.00
CA GLU A 58 -13.29 4.33 28.77
C GLU A 58 -14.10 4.74 27.56
N THR A 59 -13.44 4.89 26.41
CA THR A 59 -14.15 5.26 25.20
C THR A 59 -14.83 4.03 24.64
N ILE A 60 -16.08 4.20 24.23
CA ILE A 60 -16.80 3.07 23.67
C ILE A 60 -17.36 3.36 22.30
N VAL A 61 -17.18 2.40 21.41
CA VAL A 61 -17.69 2.51 20.05
C VAL A 61 -18.55 1.28 19.80
N ASP A 62 -19.85 1.52 19.56
CA ASP A 62 -20.83 0.47 19.30
C ASP A 62 -20.74 -0.06 17.88
N ALA A 63 -20.14 -1.23 17.74
CA ALA A 63 -19.96 -1.85 16.44
C ALA A 63 -21.04 -2.87 16.19
N THR A 64 -22.23 -2.61 16.72
CA THR A 64 -23.34 -3.52 16.52
C THR A 64 -23.68 -3.59 15.04
N ASP A 65 -23.76 -4.82 14.54
CA ASP A 65 -24.07 -5.13 13.14
C ASP A 65 -22.91 -4.81 12.21
N CYS A 66 -21.79 -4.39 12.79
CA CYS A 66 -20.63 -4.06 11.98
C CYS A 66 -19.61 -5.18 11.92
N VAL A 67 -18.88 -5.19 10.83
CA VAL A 67 -17.84 -6.19 10.59
C VAL A 67 -16.49 -5.53 10.80
N ILE A 68 -15.58 -6.26 11.44
CA ILE A 68 -14.25 -5.76 11.71
C ILE A 68 -13.22 -6.52 10.88
N TYR A 69 -12.28 -5.78 10.31
CA TYR A 69 -11.20 -6.28 9.46
C TYR A 69 -9.95 -5.54 9.91
N PRO A 70 -8.77 -6.08 9.60
CA PRO A 70 -7.59 -5.31 10.01
C PRO A 70 -7.48 -4.29 8.88
N ALA A 71 -7.03 -3.06 9.15
CA ALA A 71 -6.90 -2.05 8.11
C ALA A 71 -6.03 -2.57 6.95
N TRP A 72 -6.29 -2.12 5.73
CA TRP A 72 -5.51 -2.59 4.59
C TRP A 72 -4.09 -2.07 4.56
N VAL A 73 -3.23 -2.82 3.90
CA VAL A 73 -1.83 -2.48 3.72
C VAL A 73 -1.58 -2.48 2.22
N ASN A 74 -1.39 -1.31 1.65
CA ASN A 74 -1.12 -1.17 0.22
C ASN A 74 0.38 -1.21 0.03
N THR A 75 0.87 -2.16 -0.76
CA THR A 75 2.30 -2.31 -0.98
C THR A 75 2.86 -1.78 -2.30
N HIS A 76 2.07 -1.06 -3.07
CA HIS A 76 2.53 -0.48 -4.33
C HIS A 76 1.58 0.60 -4.83
N HIS A 77 2.14 1.73 -5.28
CA HIS A 77 1.34 2.88 -5.71
C HIS A 77 2.19 3.89 -6.50
N HIS A 78 1.53 4.89 -7.07
CA HIS A 78 2.17 5.98 -7.81
C HIS A 78 1.26 7.20 -7.61
N LEU A 79 1.19 7.68 -6.38
CA LEU A 79 0.32 8.81 -6.02
C LEU A 79 0.29 10.05 -6.90
N PHE A 80 1.34 10.36 -7.64
CA PHE A 80 1.29 11.56 -8.46
C PHE A 80 0.27 11.38 -9.56
N GLN A 81 0.11 10.13 -9.97
CA GLN A 81 -0.84 9.75 -11.02
C GLN A 81 -2.30 10.00 -10.65
N SER A 82 -2.55 10.34 -9.40
CA SER A 82 -3.90 10.60 -8.94
C SER A 82 -4.51 11.81 -9.63
N LEU A 83 -3.70 12.53 -10.41
CA LEU A 83 -4.18 13.68 -11.14
C LEU A 83 -4.01 13.40 -12.62
N LEU A 84 -3.69 12.14 -12.92
CA LEU A 84 -3.50 11.66 -14.28
C LEU A 84 -4.34 10.40 -14.47
N LYS A 85 -5.42 10.31 -13.71
CA LYS A 85 -6.34 9.17 -13.76
C LYS A 85 -6.66 8.69 -15.16
N GLY A 86 -7.21 9.58 -15.97
CA GLY A 86 -7.54 9.21 -17.34
C GLY A 86 -6.63 8.18 -18.02
N GLU A 87 -5.49 8.65 -18.55
CA GLU A 87 -4.52 7.79 -19.25
C GLU A 87 -3.06 8.08 -18.87
N PRO A 88 -2.09 7.54 -19.64
CA PRO A 88 -0.68 7.81 -19.27
C PRO A 88 -0.19 9.25 -19.52
N PHE A 106 3.03 15.03 -19.32
CA PHE A 106 2.29 15.32 -18.10
C PHE A 106 3.17 15.37 -16.85
N ARG A 107 3.96 14.32 -16.66
CA ARG A 107 4.83 14.25 -15.48
C ARG A 107 5.67 15.50 -15.29
N ALA A 108 6.19 16.06 -16.37
CA ALA A 108 7.02 17.24 -16.26
C ALA A 108 6.23 18.48 -15.82
N LEU A 109 4.91 18.39 -15.79
CA LEU A 109 4.06 19.53 -15.39
C LEU A 109 3.72 19.56 -13.91
N PHE A 110 4.27 18.63 -13.14
CA PHE A 110 4.00 18.61 -11.71
C PHE A 110 4.88 19.57 -10.93
N ASP A 111 4.28 20.27 -9.98
CA ASP A 111 5.01 21.25 -9.17
C ASP A 111 4.69 21.06 -7.69
N GLU A 112 4.92 22.10 -6.90
CA GLU A 112 4.65 22.08 -5.47
C GLU A 112 3.19 21.72 -5.20
N ARG A 113 2.35 22.71 -5.45
CA ARG A 113 0.90 22.63 -5.27
C ARG A 113 0.31 21.34 -5.82
N ARG A 114 0.58 21.09 -7.10
CA ARG A 114 0.07 19.91 -7.77
C ARG A 114 0.46 18.58 -7.18
N PHE A 115 1.75 18.35 -6.99
CA PHE A 115 2.21 17.07 -6.43
C PHE A 115 1.48 16.82 -5.13
N ARG A 116 1.37 17.87 -4.32
CA ARG A 116 0.70 17.80 -3.03
C ARG A 116 -0.77 17.40 -3.12
N LEU A 117 -1.45 17.92 -4.15
CA LEU A 117 -2.86 17.64 -4.37
C LEU A 117 -3.08 16.19 -4.78
N ALA A 118 -2.28 15.72 -5.73
CA ALA A 118 -2.39 14.35 -6.21
C ALA A 118 -2.21 13.35 -5.07
N ALA A 119 -1.23 13.62 -4.22
CA ALA A 119 -0.92 12.78 -3.08
C ALA A 119 -2.07 12.79 -2.11
N ARG A 120 -2.59 13.98 -1.82
CA ARG A 120 -3.71 14.09 -0.90
C ARG A 120 -4.90 13.28 -1.42
N ILE A 121 -5.28 13.53 -2.66
CA ILE A 121 -6.39 12.82 -3.28
C ILE A 121 -6.27 11.30 -3.15
N GLY A 122 -5.22 10.72 -3.71
CA GLY A 122 -5.06 9.27 -3.65
C GLY A 122 -4.97 8.73 -2.24
N LEU A 123 -4.42 9.53 -1.34
CA LEU A 123 -4.26 9.14 0.05
C LEU A 123 -5.63 9.12 0.71
N ILE A 124 -6.44 10.15 0.43
CA ILE A 124 -7.77 10.25 0.98
C ILE A 124 -8.67 9.10 0.51
N GLU A 125 -8.65 8.81 -0.79
CA GLU A 125 -9.52 7.75 -1.26
C GLU A 125 -9.06 6.40 -0.77
N LEU A 126 -7.80 6.34 -0.36
CA LEU A 126 -7.23 5.10 0.14
C LEU A 126 -7.63 4.92 1.60
N ALA A 127 -7.72 6.02 2.33
CA ALA A 127 -8.08 5.97 3.74
C ALA A 127 -9.54 5.61 3.92
N ARG A 128 -10.40 6.06 3.00
CA ARG A 128 -11.81 5.73 3.13
C ARG A 128 -12.18 4.38 2.53
N SER A 129 -11.17 3.59 2.21
CA SER A 129 -11.39 2.25 1.69
C SER A 129 -10.86 1.31 2.77
N GLY A 130 -10.56 1.89 3.93
CA GLY A 130 -10.08 1.13 5.05
C GLY A 130 -8.59 0.85 5.13
N CYS A 131 -7.83 1.47 4.25
CA CYS A 131 -6.38 1.31 4.23
C CYS A 131 -5.70 2.26 5.23
N ALA A 132 -4.83 1.72 6.09
CA ALA A 132 -4.14 2.54 7.08
C ALA A 132 -2.62 2.66 6.81
N THR A 133 -2.08 1.70 6.07
CA THR A 133 -0.66 1.68 5.70
C THR A 133 -0.57 1.77 4.19
N VAL A 134 0.01 2.86 3.71
CA VAL A 134 0.16 3.07 2.29
C VAL A 134 1.64 3.08 1.91
N ALA A 135 1.94 2.51 0.75
CA ALA A 135 3.31 2.47 0.25
C ALA A 135 3.25 3.09 -1.14
N ASP A 136 4.01 4.16 -1.34
CA ASP A 136 4.04 4.79 -2.65
C ASP A 136 5.38 4.63 -3.34
N HIS A 137 5.33 4.20 -4.60
CA HIS A 137 6.53 4.01 -5.42
C HIS A 137 6.69 5.34 -6.13
N ASN A 138 7.22 6.31 -5.39
CA ASN A 138 7.43 7.65 -5.90
C ASN A 138 8.68 7.73 -6.78
N TYR A 139 8.53 8.29 -7.96
CA TYR A 139 9.68 8.41 -8.84
C TYR A 139 9.80 9.76 -9.51
N VAL A 140 9.14 10.75 -8.93
CA VAL A 140 9.30 12.08 -9.47
C VAL A 140 10.47 12.68 -8.68
N TYR A 141 11.63 12.64 -9.33
CA TYR A 141 12.89 13.15 -8.82
C TYR A 141 13.71 13.52 -10.06
N TYR A 142 14.49 14.58 -9.97
CA TYR A 142 15.32 15.03 -11.09
C TYR A 142 16.22 16.14 -10.60
N PRO A 143 17.43 16.24 -11.16
CA PRO A 143 18.37 17.29 -10.76
C PRO A 143 17.74 18.67 -10.66
N GLY A 144 17.91 19.32 -9.52
CA GLY A 144 17.38 20.66 -9.34
C GLY A 144 15.91 20.80 -9.06
N MET A 145 15.21 19.70 -8.77
CA MET A 145 13.79 19.77 -8.48
C MET A 145 13.58 20.84 -7.39
N PRO A 146 12.69 21.80 -7.64
CA PRO A 146 12.38 22.91 -6.72
C PRO A 146 11.61 22.52 -5.47
N PHE A 147 11.05 21.31 -5.43
CA PHE A 147 10.31 20.89 -4.26
C PHE A 147 10.74 19.52 -3.76
N ASP A 148 10.49 19.27 -2.48
CA ASP A 148 10.85 18.00 -1.86
C ASP A 148 9.66 17.02 -1.88
N SER A 149 9.62 16.16 -2.88
CA SER A 149 8.56 15.17 -3.02
C SER A 149 8.41 14.36 -1.74
N SER A 150 9.52 13.74 -1.33
CA SER A 150 9.52 12.94 -0.13
C SER A 150 8.93 13.70 1.06
N ALA A 151 9.36 14.93 1.26
CA ALA A 151 8.86 15.73 2.37
C ALA A 151 7.35 15.81 2.31
N ILE A 152 6.85 16.25 1.16
CA ILE A 152 5.42 16.40 0.94
C ILE A 152 4.63 15.12 1.21
N LEU A 153 5.12 13.99 0.70
CA LEU A 153 4.44 12.72 0.90
C LEU A 153 4.28 12.35 2.37
N PHE A 154 5.36 12.50 3.16
CA PHE A 154 5.30 12.18 4.59
C PHE A 154 4.39 13.17 5.33
N GLU A 155 4.39 14.42 4.87
CA GLU A 155 3.58 15.44 5.49
C GLU A 155 2.11 15.10 5.34
N GLU A 156 1.71 14.83 4.11
CA GLU A 156 0.34 14.49 3.81
C GLU A 156 -0.14 13.24 4.53
N ALA A 157 0.67 12.18 4.49
CA ALA A 157 0.31 10.93 5.13
C ALA A 157 0.00 11.16 6.60
N GLU A 158 0.87 11.91 7.26
CA GLU A 158 0.70 12.18 8.67
C GLU A 158 -0.46 13.12 8.99
N LYS A 159 -0.78 14.02 8.08
CA LYS A 159 -1.90 14.91 8.33
C LYS A 159 -3.15 14.06 8.45
N LEU A 160 -3.13 12.92 7.75
CA LEU A 160 -4.25 12.00 7.74
C LEU A 160 -4.12 10.93 8.82
N GLY A 161 -2.95 10.87 9.46
CA GLY A 161 -2.71 9.92 10.53
C GLY A 161 -2.35 8.52 10.08
N LEU A 162 -1.95 8.39 8.82
CA LEU A 162 -1.61 7.10 8.22
C LEU A 162 -0.12 6.74 8.29
N ARG A 163 0.17 5.44 8.31
CA ARG A 163 1.56 4.99 8.31
C ARG A 163 1.94 5.10 6.85
N PHE A 164 3.12 5.65 6.57
CA PHE A 164 3.57 5.80 5.20
C PHE A 164 4.89 5.08 4.94
N VAL A 165 4.99 4.47 3.77
CA VAL A 165 6.20 3.76 3.40
C VAL A 165 6.69 4.35 2.08
N LEU A 166 7.82 5.06 2.13
CA LEU A 166 8.36 5.68 0.93
C LEU A 166 9.21 4.72 0.11
N LEU A 167 8.82 4.53 -1.14
CA LEU A 167 9.55 3.65 -2.05
C LEU A 167 10.27 4.57 -3.04
N ARG A 168 11.40 5.12 -2.59
CA ARG A 168 12.21 6.06 -3.36
C ARG A 168 12.66 5.47 -4.69
N GLY A 169 11.99 5.91 -5.76
CA GLY A 169 12.31 5.41 -7.08
C GLY A 169 13.19 6.33 -7.89
N GLY A 170 13.48 5.92 -9.12
CA GLY A 170 14.31 6.74 -9.99
C GLY A 170 15.13 5.95 -10.98
N ALA A 171 15.99 6.66 -11.72
CA ALA A 171 16.85 6.02 -12.69
C ALA A 171 18.13 6.79 -12.91
N THR A 172 19.15 6.08 -13.38
CA THR A 172 20.44 6.67 -13.67
C THR A 172 20.59 6.74 -15.18
N GLN A 173 19.68 6.11 -15.90
CA GLN A 173 19.70 6.16 -17.36
C GLN A 173 18.34 6.37 -17.99
N THR A 174 18.34 6.40 -19.32
CA THR A 174 17.11 6.64 -20.07
C THR A 174 17.29 6.58 -21.58
N ARG A 175 18.38 7.18 -22.04
CA ARG A 175 18.72 7.28 -23.44
C ARG A 175 17.53 7.44 -24.38
N GLN A 176 16.80 8.51 -24.05
CA GLN A 176 15.68 9.06 -24.79
C GLN A 176 16.58 10.24 -25.22
N LEU A 177 17.82 10.12 -24.73
CA LEU A 177 18.96 11.02 -24.91
C LEU A 177 19.08 12.05 -23.78
N GLU A 178 18.60 13.28 -23.98
CA GLU A 178 18.68 14.30 -22.93
C GLU A 178 18.18 15.68 -23.34
N ALA A 179 18.83 16.27 -24.36
CA ALA A 179 18.44 17.60 -24.86
C ALA A 179 16.99 17.60 -25.35
N ASP A 180 16.49 16.41 -25.69
CA ASP A 180 15.12 16.25 -26.17
C ASP A 180 14.30 15.69 -25.00
N LEU A 181 14.75 16.06 -23.79
CA LEU A 181 14.14 15.68 -22.52
C LEU A 181 14.27 16.88 -21.60
N PRO A 182 13.14 17.39 -21.05
CA PRO A 182 13.18 18.55 -20.16
C PRO A 182 13.72 18.28 -18.75
N THR A 183 13.99 19.35 -18.02
CA THR A 183 14.48 19.30 -16.64
C THR A 183 13.92 18.10 -15.87
N ALA A 184 12.60 18.05 -15.76
CA ALA A 184 11.90 17.00 -15.01
C ALA A 184 12.16 15.54 -15.36
N LEU A 185 12.38 15.21 -16.62
CA LEU A 185 12.59 13.81 -17.00
C LEU A 185 14.03 13.32 -17.08
N ARG A 186 15.00 14.15 -16.66
CA ARG A 186 16.41 13.76 -16.71
C ARG A 186 16.82 12.89 -15.54
N PRO A 187 17.58 11.83 -15.82
CA PRO A 187 18.01 10.94 -14.74
C PRO A 187 18.91 11.62 -13.70
N GLU A 188 19.06 10.95 -12.57
CA GLU A 188 19.90 11.45 -11.51
C GLU A 188 21.17 10.63 -11.55
N THR A 189 22.29 11.25 -11.21
CA THR A 189 23.53 10.50 -11.20
C THR A 189 23.44 9.52 -10.04
N LEU A 190 24.05 8.34 -10.19
CA LEU A 190 24.03 7.30 -9.16
C LEU A 190 24.30 7.80 -7.73
N ASP A 191 25.33 8.62 -7.55
CA ASP A 191 25.69 9.15 -6.23
C ASP A 191 24.67 10.12 -5.68
N ALA A 192 24.00 10.85 -6.56
CA ALA A 192 22.99 11.78 -6.09
C ALA A 192 21.88 10.97 -5.43
N TYR A 193 21.47 9.90 -6.11
CA TYR A 193 20.43 8.98 -5.66
C TYR A 193 20.85 8.44 -4.30
N VAL A 194 21.97 7.71 -4.27
CA VAL A 194 22.49 7.14 -3.04
C VAL A 194 22.52 8.13 -1.90
N ALA A 195 23.01 9.33 -2.18
CA ALA A 195 23.12 10.37 -1.18
C ALA A 195 21.75 10.69 -0.59
N ASP A 196 20.77 10.84 -1.46
CA ASP A 196 19.42 11.17 -1.02
C ASP A 196 18.83 10.14 -0.09
N ILE A 197 19.06 8.87 -0.40
CA ILE A 197 18.54 7.81 0.41
C ILE A 197 19.14 7.79 1.81
N GLU A 198 20.43 8.10 1.90
CA GLU A 198 21.09 8.14 3.20
C GLU A 198 20.46 9.26 4.01
N ARG A 199 20.21 10.38 3.33
CA ARG A 199 19.58 11.53 3.94
C ARG A 199 18.21 11.09 4.47
N LEU A 200 17.41 10.51 3.59
CA LEU A 200 16.06 10.02 3.94
C LEU A 200 16.06 8.91 5.00
N ALA A 201 17.03 8.01 4.90
CA ALA A 201 17.15 6.91 5.84
C ALA A 201 17.38 7.44 7.24
N ALA A 202 18.18 8.48 7.35
CA ALA A 202 18.50 9.06 8.65
C ALA A 202 17.40 9.98 9.16
N ARG A 203 16.65 10.58 8.25
CA ARG A 203 15.62 11.52 8.62
C ARG A 203 14.27 10.89 9.00
N TYR A 204 13.75 10.01 8.16
CA TYR A 204 12.44 9.42 8.39
C TYR A 204 12.30 7.95 8.80
N HIS A 205 13.20 7.10 8.32
CA HIS A 205 13.12 5.67 8.61
C HIS A 205 13.25 5.25 10.07
N ASP A 206 12.20 4.56 10.56
CA ASP A 206 12.12 4.03 11.90
C ASP A 206 12.14 2.52 11.66
N ALA A 207 13.00 1.79 12.37
CA ALA A 207 13.11 0.36 12.16
C ALA A 207 12.17 -0.54 12.97
N SER A 208 11.38 0.02 13.89
CA SER A 208 10.49 -0.83 14.67
C SER A 208 9.48 -1.50 13.75
N PRO A 209 8.94 -2.64 14.18
CA PRO A 209 7.96 -3.33 13.34
C PRO A 209 6.57 -2.68 13.36
N ARG A 210 6.51 -1.47 13.87
CA ARG A 210 5.26 -0.72 13.91
C ARG A 210 5.59 0.76 13.73
N ALA A 211 6.55 0.99 12.85
CA ALA A 211 6.98 2.34 12.53
C ALA A 211 5.87 3.08 11.76
N MET A 212 5.76 4.38 11.99
CA MET A 212 4.77 5.19 11.29
C MET A 212 5.41 5.78 10.04
N ARG A 213 6.71 5.55 9.90
CA ARG A 213 7.47 6.02 8.75
C ARG A 213 8.53 5.03 8.34
N ARG A 214 8.66 4.84 7.04
CA ARG A 214 9.62 3.90 6.47
C ARG A 214 10.16 4.38 5.15
N VAL A 215 11.33 3.87 4.80
CA VAL A 215 12.01 4.23 3.56
C VAL A 215 12.58 2.97 2.92
N VAL A 216 12.45 2.84 1.61
CA VAL A 216 12.99 1.68 0.93
C VAL A 216 13.62 2.06 -0.43
N MET A 217 14.67 1.31 -0.80
CA MET A 217 15.42 1.47 -2.04
C MET A 217 14.57 0.93 -3.18
N ALA A 218 14.08 1.82 -4.07
CA ALA A 218 13.19 1.38 -5.14
C ALA A 218 13.36 1.89 -6.58
N PRO A 219 14.49 1.59 -7.23
CA PRO A 219 14.67 2.05 -8.60
C PRO A 219 13.47 1.57 -9.46
N THR A 220 12.73 2.51 -10.04
CA THR A 220 11.54 2.19 -10.83
C THR A 220 11.47 0.79 -11.48
N THR A 221 12.13 0.61 -12.62
CA THR A 221 12.16 -0.68 -13.30
C THR A 221 13.62 -1.11 -13.29
N VAL A 222 14.01 -1.71 -12.17
CA VAL A 222 15.37 -2.14 -11.94
C VAL A 222 16.16 -2.70 -13.15
N LEU A 223 15.50 -3.38 -14.07
CA LEU A 223 16.23 -3.91 -15.22
C LEU A 223 16.37 -2.89 -16.34
N TYR A 224 15.95 -1.65 -16.08
CA TYR A 224 16.06 -0.59 -17.08
C TYR A 224 16.48 0.74 -16.46
N SER A 225 15.88 1.11 -15.34
CA SER A 225 16.21 2.38 -14.68
C SER A 225 17.68 2.49 -14.29
N ILE A 226 18.32 1.35 -14.09
CA ILE A 226 19.69 1.31 -13.63
C ILE A 226 20.59 0.22 -14.26
N SER A 227 21.90 0.47 -14.28
CA SER A 227 22.84 -0.50 -14.84
C SER A 227 22.97 -1.70 -13.91
N PRO A 228 23.29 -2.90 -14.46
CA PRO A 228 23.41 -4.05 -13.56
C PRO A 228 24.52 -3.96 -12.51
N ARG A 229 25.56 -3.20 -12.80
CA ARG A 229 26.67 -3.02 -11.86
C ARG A 229 26.09 -2.15 -10.75
N GLU A 230 25.22 -1.23 -11.16
CA GLU A 230 24.58 -0.34 -10.23
C GLU A 230 23.55 -1.04 -9.34
N MET A 231 22.90 -2.09 -9.84
CA MET A 231 21.93 -2.73 -8.96
C MET A 231 22.63 -3.48 -7.83
N ARG A 232 23.86 -3.92 -8.06
CA ARG A 232 24.58 -4.62 -7.00
C ARG A 232 24.92 -3.60 -5.91
N GLU A 233 25.60 -2.52 -6.29
CA GLU A 233 25.97 -1.52 -5.30
C GLU A 233 24.74 -0.89 -4.69
N THR A 234 23.71 -0.72 -5.49
CA THR A 234 22.46 -0.13 -5.00
C THR A 234 21.84 -1.03 -3.91
N ALA A 235 22.00 -2.34 -4.07
CA ALA A 235 21.49 -3.31 -3.10
C ALA A 235 22.28 -3.22 -1.80
N ALA A 236 23.60 -3.10 -1.93
CA ALA A 236 24.50 -3.00 -0.80
C ALA A 236 24.22 -1.81 0.11
N VAL A 237 23.85 -0.69 -0.47
CA VAL A 237 23.56 0.50 0.33
C VAL A 237 22.31 0.29 1.15
N ALA A 238 21.26 -0.23 0.50
CA ALA A 238 20.00 -0.50 1.15
C ALA A 238 20.25 -1.42 2.33
N ARG A 239 20.91 -2.54 2.05
CA ARG A 239 21.19 -3.51 3.11
C ARG A 239 22.08 -2.93 4.19
N ARG A 240 23.01 -2.07 3.80
CA ARG A 240 23.91 -1.43 4.74
C ARG A 240 23.12 -0.52 5.68
N LEU A 241 22.09 0.14 5.14
CA LEU A 241 21.25 1.03 5.94
C LEU A 241 20.08 0.29 6.58
N GLY A 242 20.01 -1.02 6.37
CA GLY A 242 18.93 -1.82 6.92
C GLY A 242 17.57 -1.52 6.29
N LEU A 243 17.57 -1.26 4.99
CA LEU A 243 16.33 -0.94 4.28
C LEU A 243 15.94 -2.09 3.35
N ARG A 244 14.68 -2.10 2.92
CA ARG A 244 14.20 -3.12 1.99
C ARG A 244 14.26 -2.60 0.56
N MET A 245 14.22 -3.52 -0.40
CA MET A 245 14.30 -3.16 -1.82
C MET A 245 13.01 -3.51 -2.56
N HIS A 246 12.61 -2.62 -3.46
CA HIS A 246 11.39 -2.83 -4.24
C HIS A 246 11.52 -2.26 -5.64
N SER A 247 10.93 -2.93 -6.63
CA SER A 247 10.97 -2.46 -8.00
C SER A 247 9.93 -3.12 -8.92
N HIS A 248 9.72 -2.50 -10.08
CA HIS A 248 8.82 -3.00 -11.12
C HIS A 248 9.64 -4.06 -11.86
N LEU A 249 9.16 -5.30 -11.91
CA LEU A 249 9.92 -6.33 -12.60
C LEU A 249 9.28 -6.64 -13.93
N SER A 250 9.76 -6.00 -14.98
CA SER A 250 9.22 -6.24 -16.33
C SER A 250 9.88 -7.48 -16.96
N GLY A 264 21.35 -11.81 -21.12
CA GLY A 264 21.93 -12.96 -20.43
C GLY A 264 20.97 -14.14 -20.32
N LYS A 265 20.00 -14.06 -19.41
CA LYS A 265 19.05 -15.15 -19.23
C LYS A 265 17.74 -14.64 -18.59
N SER A 266 17.11 -15.46 -17.75
CA SER A 266 15.85 -15.08 -17.11
C SER A 266 15.88 -13.81 -16.26
N PRO A 267 14.78 -13.06 -16.23
CA PRO A 267 14.71 -11.82 -15.46
C PRO A 267 14.95 -12.03 -13.95
N VAL A 268 14.21 -12.96 -13.36
CA VAL A 268 14.35 -13.26 -11.95
C VAL A 268 15.77 -13.79 -11.67
N ALA A 269 16.23 -14.71 -12.50
CA ALA A 269 17.56 -15.29 -12.35
C ALA A 269 18.65 -14.22 -12.45
N PHE A 270 18.42 -13.21 -13.27
CA PHE A 270 19.35 -12.10 -13.44
C PHE A 270 19.36 -11.30 -12.14
N CYS A 271 18.17 -10.98 -11.63
CA CYS A 271 18.04 -10.24 -10.39
C CYS A 271 18.79 -10.95 -9.28
N GLY A 272 18.68 -12.27 -9.25
CA GLY A 272 19.36 -13.03 -8.23
C GLY A 272 20.85 -12.81 -8.33
N GLU A 273 21.39 -12.93 -9.53
CA GLU A 273 22.81 -12.77 -9.79
C GLU A 273 23.38 -11.38 -9.52
N HIS A 274 22.49 -10.42 -9.26
CA HIS A 274 22.91 -9.06 -8.98
C HIS A 274 22.41 -8.56 -7.64
N ASP A 275 22.37 -9.45 -6.67
CA ASP A 275 21.95 -9.15 -5.31
C ASP A 275 20.56 -8.52 -5.17
N TRP A 276 19.61 -8.94 -6.01
CA TRP A 276 18.27 -8.37 -5.97
C TRP A 276 17.14 -9.35 -5.68
N LEU A 277 17.39 -10.28 -4.77
CA LEU A 277 16.38 -11.24 -4.34
C LEU A 277 16.56 -11.37 -2.84
N GLY A 278 15.65 -12.08 -2.19
CA GLY A 278 15.74 -12.25 -0.75
C GLY A 278 14.49 -11.72 -0.10
N SER A 279 14.20 -12.17 1.11
CA SER A 279 13.00 -11.73 1.83
C SER A 279 13.08 -10.24 2.06
N ASP A 280 14.23 -9.69 1.66
CA ASP A 280 14.62 -8.30 1.74
C ASP A 280 13.87 -7.46 0.69
N VAL A 281 13.68 -8.09 -0.47
CA VAL A 281 13.07 -7.50 -1.66
C VAL A 281 11.66 -7.98 -2.04
N TRP A 282 10.94 -7.17 -2.81
CA TRP A 282 9.61 -7.53 -3.29
C TRP A 282 9.33 -6.76 -4.61
N TYR A 283 8.71 -7.44 -5.57
CA TYR A 283 8.41 -6.81 -6.86
C TYR A 283 6.96 -6.59 -7.22
N ALA A 284 6.76 -5.56 -8.03
CA ALA A 284 5.46 -5.19 -8.55
C ALA A 284 5.44 -5.52 -10.03
N HIS A 285 4.24 -5.62 -10.59
CA HIS A 285 4.03 -5.91 -12.00
C HIS A 285 4.83 -7.08 -12.54
N LEU A 286 4.86 -8.18 -11.81
CA LEU A 286 5.60 -9.32 -12.34
C LEU A 286 4.62 -10.34 -12.89
N VAL A 287 4.16 -10.08 -14.11
CA VAL A 287 3.24 -10.96 -14.82
C VAL A 287 4.19 -11.80 -15.67
N LYS A 288 3.79 -12.98 -16.10
CA LYS A 288 4.67 -13.84 -16.90
C LYS A 288 5.86 -14.31 -16.06
N VAL A 289 5.75 -15.48 -15.45
CA VAL A 289 6.84 -16.00 -14.65
C VAL A 289 6.99 -17.51 -14.78
N ASP A 290 8.19 -17.92 -15.17
CA ASP A 290 8.55 -19.31 -15.35
C ASP A 290 8.30 -20.13 -14.07
N ALA A 291 8.28 -21.44 -14.19
CA ALA A 291 8.08 -22.31 -13.04
C ALA A 291 9.36 -22.23 -12.21
N ASP A 292 10.49 -22.16 -12.91
CA ASP A 292 11.81 -22.06 -12.29
C ASP A 292 11.94 -20.72 -11.60
N GLU A 293 11.32 -19.71 -12.21
CA GLU A 293 11.36 -18.37 -11.65
C GLU A 293 10.53 -18.30 -10.38
N ILE A 294 9.47 -19.10 -10.32
CA ILE A 294 8.61 -19.11 -9.14
C ILE A 294 9.33 -19.77 -7.98
N ALA A 295 10.07 -20.82 -8.29
CA ALA A 295 10.83 -21.56 -7.27
C ALA A 295 11.88 -20.67 -6.63
N LEU A 296 12.55 -19.87 -7.46
CA LEU A 296 13.57 -18.96 -6.99
C LEU A 296 12.97 -17.90 -6.10
N LEU A 297 11.75 -17.48 -6.40
CA LEU A 297 11.08 -16.49 -5.57
C LEU A 297 10.70 -17.12 -4.26
N ALA A 298 10.35 -18.40 -4.33
CA ALA A 298 9.94 -19.15 -3.14
C ALA A 298 11.11 -19.44 -2.21
N GLN A 299 12.25 -19.83 -2.76
CA GLN A 299 13.41 -20.15 -1.92
C GLN A 299 14.10 -18.92 -1.33
N THR A 300 14.07 -17.81 -2.06
CA THR A 300 14.68 -16.57 -1.60
C THR A 300 13.75 -15.78 -0.69
N GLY A 301 12.46 -16.09 -0.73
CA GLY A 301 11.53 -15.36 0.10
C GLY A 301 11.18 -13.99 -0.43
N THR A 302 11.41 -13.79 -1.73
CA THR A 302 11.10 -12.51 -2.36
C THR A 302 9.59 -12.42 -2.55
N GLY A 303 9.02 -11.29 -2.15
CA GLY A 303 7.59 -11.10 -2.26
C GLY A 303 7.14 -10.42 -3.54
N VAL A 304 5.82 -10.32 -3.70
CA VAL A 304 5.25 -9.68 -4.88
C VAL A 304 4.14 -8.74 -4.42
N ALA A 305 3.92 -7.68 -5.19
CA ALA A 305 2.87 -6.71 -4.92
C ALA A 305 1.90 -6.95 -6.06
N HIS A 306 0.84 -7.70 -5.76
CA HIS A 306 -0.17 -8.04 -6.75
C HIS A 306 -1.12 -6.89 -7.03
N CYS A 307 -1.21 -6.49 -8.29
CA CYS A 307 -2.10 -5.40 -8.71
C CYS A 307 -2.97 -5.80 -9.91
N PRO A 308 -4.09 -6.49 -9.64
CA PRO A 308 -5.02 -6.95 -10.69
C PRO A 308 -5.63 -5.89 -11.62
N GLN A 309 -6.34 -4.90 -11.06
CA GLN A 309 -6.96 -3.85 -11.88
C GLN A 309 -5.99 -3.14 -12.81
N SER A 310 -4.77 -2.96 -12.34
CA SER A 310 -3.73 -2.31 -13.13
C SER A 310 -3.15 -3.30 -14.13
N ASN A 311 -2.80 -4.49 -13.65
CA ASN A 311 -2.22 -5.52 -14.51
C ASN A 311 -3.14 -5.92 -15.65
N GLY A 312 -4.41 -5.53 -15.57
CA GLY A 312 -5.33 -5.86 -16.64
C GLY A 312 -5.00 -5.03 -17.86
N ARG A 313 -4.73 -3.74 -17.63
CA ARG A 313 -4.38 -2.79 -18.70
C ARG A 313 -2.95 -3.13 -19.13
N LEU A 314 -2.71 -4.43 -19.27
CA LEU A 314 -1.42 -4.97 -19.64
C LEU A 314 -1.63 -6.45 -19.96
N PRO A 320 0.82 -14.83 -12.91
CA PRO A 320 -0.35 -15.37 -12.21
C PRO A 320 -0.26 -14.94 -10.75
N VAL A 321 -0.76 -15.78 -9.86
CA VAL A 321 -0.70 -15.50 -8.42
C VAL A 321 -0.81 -16.80 -7.64
N ARG A 322 -1.91 -17.52 -7.78
CA ARG A 322 -2.03 -18.77 -7.03
C ARG A 322 -1.22 -19.88 -7.68
N GLU A 323 0.08 -19.75 -7.51
CA GLU A 323 1.09 -20.68 -8.00
C GLU A 323 2.25 -20.16 -7.19
N MET A 324 2.36 -18.83 -7.15
CA MET A 324 3.38 -18.17 -6.35
C MET A 324 2.96 -18.41 -4.91
N ALA A 325 1.69 -18.18 -4.64
CA ALA A 325 1.15 -18.36 -3.30
C ALA A 325 1.32 -19.81 -2.88
N ASP A 326 1.10 -20.73 -3.80
CA ASP A 326 1.22 -22.15 -3.51
C ASP A 326 2.67 -22.55 -3.38
N ALA A 327 3.51 -21.87 -4.16
CA ALA A 327 4.95 -22.11 -4.14
C ALA A 327 5.49 -21.64 -2.80
N GLY A 328 4.77 -20.74 -2.16
CA GLY A 328 5.21 -20.26 -0.87
C GLY A 328 5.75 -18.85 -0.87
N VAL A 329 5.76 -18.19 -2.03
CA VAL A 329 6.28 -16.85 -2.05
C VAL A 329 5.25 -15.87 -1.47
N PRO A 330 5.70 -14.94 -0.59
CA PRO A 330 4.80 -13.96 0.02
C PRO A 330 4.09 -13.07 -1.00
N VAL A 331 2.78 -12.95 -0.82
CA VAL A 331 1.92 -12.17 -1.70
C VAL A 331 1.27 -10.99 -0.97
N SER A 332 1.40 -9.80 -1.54
CA SER A 332 0.81 -8.61 -0.95
C SER A 332 -0.03 -7.94 -2.03
N ILE A 333 -0.88 -7.01 -1.62
CA ILE A 333 -1.73 -6.33 -2.56
C ILE A 333 -1.43 -4.83 -2.69
N GLY A 334 -1.54 -4.34 -3.92
CA GLY A 334 -1.32 -2.94 -4.16
C GLY A 334 -2.22 -2.52 -5.30
N VAL A 335 -2.34 -1.22 -5.47
CA VAL A 335 -3.15 -0.61 -6.53
C VAL A 335 -2.19 0.48 -6.96
N ASP A 336 -1.69 0.49 -8.19
CA ASP A 336 -0.74 1.55 -8.49
C ASP A 336 -1.16 2.65 -9.45
N GLY A 337 -0.92 3.89 -9.05
CA GLY A 337 -1.25 5.03 -9.91
C GLY A 337 -2.54 5.00 -10.72
N ALA A 338 -3.40 5.97 -10.45
CA ALA A 338 -4.68 6.09 -11.14
C ALA A 338 -4.51 6.16 -12.67
N ALA A 339 -3.27 6.25 -13.13
CA ALA A 339 -3.04 6.33 -14.56
C ALA A 339 -3.25 4.98 -15.22
N SER A 340 -3.14 3.94 -14.40
CA SER A 340 -3.29 2.59 -14.89
C SER A 340 -4.45 1.90 -14.17
N ASN A 341 -4.89 2.50 -13.07
CA ASN A 341 -5.97 1.94 -12.28
C ASN A 341 -6.87 3.08 -11.77
N GLU A 342 -7.93 3.34 -12.52
CA GLU A 342 -8.90 4.39 -12.19
C GLU A 342 -9.59 4.18 -10.84
N ALA A 343 -9.57 2.93 -10.37
CA ALA A 343 -10.20 2.60 -9.08
C ALA A 343 -9.11 2.27 -8.09
N ALA A 344 -8.32 3.29 -7.74
CA ALA A 344 -7.19 3.15 -6.83
C ALA A 344 -7.53 3.14 -5.34
N ASP A 345 -8.24 2.12 -4.91
CA ASP A 345 -8.59 1.96 -3.50
C ASP A 345 -8.49 0.48 -3.21
N MET A 346 -8.14 0.14 -1.97
CA MET A 346 -7.95 -1.25 -1.61
C MET A 346 -9.19 -2.13 -1.66
N ILE A 347 -10.37 -1.55 -1.65
CA ILE A 347 -11.56 -2.37 -1.72
C ILE A 347 -11.82 -2.83 -3.16
N SER A 348 -11.72 -1.92 -4.12
CA SER A 348 -11.91 -2.27 -5.52
C SER A 348 -10.89 -3.33 -5.89
N GLU A 349 -9.66 -3.15 -5.39
CA GLU A 349 -8.55 -4.05 -5.65
C GLU A 349 -8.74 -5.43 -5.07
N VAL A 350 -9.15 -5.47 -3.82
CA VAL A 350 -9.40 -6.71 -3.12
C VAL A 350 -10.55 -7.48 -3.78
N HIS A 351 -11.53 -6.73 -4.28
CA HIS A 351 -12.68 -7.33 -4.95
C HIS A 351 -12.27 -8.02 -6.24
N MET A 352 -11.39 -7.35 -6.99
CA MET A 352 -10.91 -7.87 -8.25
C MET A 352 -9.99 -9.07 -8.01
N THR A 353 -9.24 -9.02 -6.92
CA THR A 353 -8.32 -10.09 -6.56
C THR A 353 -9.11 -11.36 -6.28
N TRP A 354 -10.14 -11.24 -5.46
CA TRP A 354 -10.98 -12.38 -5.12
C TRP A 354 -11.68 -12.98 -6.33
N LEU A 355 -12.28 -12.12 -7.16
CA LEU A 355 -12.98 -12.59 -8.35
C LEU A 355 -12.07 -13.35 -9.29
N ALA A 356 -10.88 -12.82 -9.51
CA ALA A 356 -9.91 -13.46 -10.38
C ALA A 356 -9.46 -14.80 -9.80
N GLN A 357 -9.44 -14.91 -8.47
CA GLN A 357 -9.04 -16.15 -7.81
C GLN A 357 -10.20 -17.18 -7.85
N ARG A 358 -11.42 -16.70 -8.07
CA ARG A 358 -12.58 -17.58 -8.16
C ARG A 358 -12.65 -18.10 -9.59
N ALA A 359 -12.14 -17.29 -10.52
CA ALA A 359 -12.10 -17.64 -11.93
C ALA A 359 -11.44 -19.03 -12.04
N ARG A 360 -10.35 -19.22 -11.30
CA ARG A 360 -9.64 -20.51 -11.27
C ARG A 360 -10.30 -21.31 -10.13
N LEU A 361 -11.64 -21.34 -10.14
CA LEU A 361 -12.45 -22.01 -9.11
C LEU A 361 -11.82 -22.08 -7.71
N ALA A 381 -8.96 -20.31 -2.74
CA ALA A 381 -9.16 -18.89 -3.03
C ALA A 381 -10.31 -18.28 -2.21
N SER A 382 -10.20 -18.40 -0.89
CA SER A 382 -11.21 -17.90 0.02
C SER A 382 -11.11 -16.39 0.24
N ILE A 383 -12.08 -15.85 0.97
CA ILE A 383 -12.09 -14.43 1.30
C ILE A 383 -10.97 -14.18 2.32
N ALA A 384 -10.78 -15.12 3.23
CA ALA A 384 -9.75 -15.01 4.26
C ALA A 384 -8.40 -15.02 3.58
N GLU A 385 -8.29 -15.88 2.57
CA GLU A 385 -7.09 -16.04 1.78
C GLU A 385 -6.66 -14.67 1.26
N VAL A 386 -7.61 -13.95 0.69
CA VAL A 386 -7.37 -12.64 0.14
C VAL A 386 -7.20 -11.55 1.21
N ILE A 387 -7.96 -11.66 2.30
CA ILE A 387 -7.85 -10.68 3.37
C ILE A 387 -6.44 -10.74 3.94
N HIS A 388 -5.84 -11.92 3.88
CA HIS A 388 -4.49 -12.09 4.39
C HIS A 388 -3.53 -11.31 3.51
N TRP A 389 -3.65 -11.49 2.21
CA TRP A 389 -2.81 -10.82 1.24
C TRP A 389 -2.88 -9.31 1.38
N GLY A 390 -4.09 -8.80 1.61
CA GLY A 390 -4.29 -7.37 1.72
C GLY A 390 -3.97 -6.74 3.06
N THR A 391 -3.64 -7.56 4.04
CA THR A 391 -3.31 -7.08 5.37
C THR A 391 -1.97 -7.58 5.87
N ALA A 392 -1.99 -8.63 6.70
CA ALA A 392 -0.78 -9.21 7.28
C ALA A 392 0.27 -9.66 6.25
N GLY A 393 -0.18 -10.08 5.08
CA GLY A 393 0.75 -10.51 4.05
C GLY A 393 1.59 -9.34 3.57
N GLY A 394 0.95 -8.20 3.34
CA GLY A 394 1.68 -7.03 2.88
C GLY A 394 2.60 -6.48 3.96
N ALA A 395 2.15 -6.57 5.19
CA ALA A 395 2.92 -6.08 6.32
C ALA A 395 4.25 -6.80 6.45
N ARG A 396 4.23 -8.13 6.39
CA ARG A 396 5.46 -8.90 6.52
C ARG A 396 6.38 -8.73 5.31
N VAL A 397 5.82 -8.31 4.18
CA VAL A 397 6.60 -8.08 2.97
C VAL A 397 7.37 -6.77 3.12
N MET A 398 6.74 -5.81 3.79
CA MET A 398 7.38 -4.52 4.00
C MET A 398 8.14 -4.47 5.33
N GLY A 399 8.12 -5.57 6.08
CA GLY A 399 8.85 -5.61 7.34
C GLY A 399 8.16 -5.04 8.57
N LEU A 400 6.90 -4.63 8.41
CA LEU A 400 6.14 -4.10 9.52
C LEU A 400 5.40 -5.26 10.20
N ASP A 401 6.16 -6.10 10.90
CA ASP A 401 5.66 -7.30 11.55
C ASP A 401 4.71 -7.20 12.74
N GLU A 402 4.54 -6.02 13.31
CA GLU A 402 3.60 -5.89 14.41
C GLU A 402 2.39 -5.13 13.91
N VAL A 403 2.18 -5.24 12.59
CA VAL A 403 1.07 -4.61 11.86
C VAL A 403 0.39 -5.65 10.92
N GLY A 404 -0.89 -5.43 10.60
CA GLY A 404 -1.60 -6.32 9.70
C GLY A 404 -2.40 -7.48 10.28
N LYS A 405 -2.58 -7.50 11.60
CA LYS A 405 -3.33 -8.57 12.23
C LYS A 405 -4.17 -8.10 13.39
N VAL A 406 -5.43 -8.51 13.43
CA VAL A 406 -6.28 -8.12 14.55
C VAL A 406 -6.06 -9.21 15.60
N ALA A 407 -4.98 -9.08 16.35
CA ALA A 407 -4.62 -10.04 17.39
C ALA A 407 -4.01 -9.25 18.54
N VAL A 408 -4.21 -9.73 19.75
CA VAL A 408 -3.69 -9.05 20.92
C VAL A 408 -2.15 -8.93 20.86
N GLY A 409 -1.64 -7.73 21.07
CA GLY A 409 -0.21 -7.50 21.02
C GLY A 409 0.23 -6.71 19.79
N TYR A 410 -0.61 -6.74 18.76
CA TYR A 410 -0.32 -6.03 17.53
C TYR A 410 -0.77 -4.58 17.54
N ALA A 411 -0.28 -3.82 16.58
CA ALA A 411 -0.64 -2.41 16.47
C ALA A 411 -2.14 -2.31 16.20
N ALA A 412 -2.76 -1.27 16.74
CA ALA A 412 -4.20 -1.06 16.58
C ALA A 412 -4.60 -0.38 15.27
N ASP A 413 -4.50 -1.12 14.17
CA ASP A 413 -4.90 -0.61 12.85
C ASP A 413 -6.11 -1.45 12.48
N ILE A 414 -7.28 -0.90 12.77
CA ILE A 414 -8.53 -1.61 12.54
C ILE A 414 -9.55 -0.85 11.72
N ALA A 415 -10.31 -1.60 10.93
CA ALA A 415 -11.37 -1.04 10.12
C ALA A 415 -12.70 -1.64 10.58
N VAL A 416 -13.65 -0.76 10.88
CA VAL A 416 -14.97 -1.19 11.31
C VAL A 416 -15.93 -0.71 10.24
N TYR A 417 -16.49 -1.65 9.48
CA TYR A 417 -17.42 -1.32 8.40
C TYR A 417 -18.91 -1.47 8.72
N ARG A 418 -19.70 -0.47 8.33
CA ARG A 418 -21.13 -0.54 8.53
C ARG A 418 -21.71 -0.92 7.16
N LEU A 419 -22.44 -2.04 7.11
CA LEU A 419 -23.03 -2.51 5.85
C LEU A 419 -24.45 -2.00 5.72
N ASP A 420 -24.60 -0.68 5.77
CA ASP A 420 -25.91 -0.05 5.68
C ASP A 420 -26.41 0.18 4.25
N ASP A 421 -25.61 -0.24 3.27
CA ASP A 421 -25.95 -0.12 1.86
C ASP A 421 -26.69 -1.39 1.46
N PRO A 422 -27.76 -1.27 0.65
CA PRO A 422 -28.55 -2.42 0.21
C PRO A 422 -27.81 -3.58 -0.45
N ARG A 423 -26.60 -3.36 -0.95
CA ARG A 423 -25.85 -4.45 -1.58
C ARG A 423 -25.53 -5.55 -0.56
N TYR A 424 -25.54 -5.17 0.71
CA TYR A 424 -25.22 -6.10 1.80
C TYR A 424 -26.47 -6.78 2.37
N PHE A 425 -27.63 -6.20 2.08
CA PHE A 425 -28.89 -6.76 2.56
C PHE A 425 -29.12 -8.14 1.95
N GLY A 426 -29.12 -9.18 2.78
CA GLY A 426 -29.32 -10.53 2.28
C GLY A 426 -28.10 -11.46 2.29
N LEU A 427 -27.01 -11.01 2.93
CA LEU A 427 -25.80 -11.80 3.03
C LEU A 427 -25.87 -12.76 4.21
N HIS A 428 -25.69 -14.05 3.96
CA HIS A 428 -25.73 -15.03 5.03
C HIS A 428 -24.50 -14.87 5.91
N ASP A 429 -23.40 -14.44 5.31
CA ASP A 429 -22.16 -14.22 6.02
C ASP A 429 -21.78 -12.78 5.73
N PRO A 430 -22.38 -11.83 6.47
CA PRO A 430 -22.12 -10.41 6.29
C PRO A 430 -20.64 -10.02 6.41
N ALA A 431 -19.83 -10.92 6.94
CA ALA A 431 -18.41 -10.66 7.10
C ALA A 431 -17.74 -10.60 5.73
N ILE A 432 -18.30 -11.33 4.79
CA ILE A 432 -17.79 -11.45 3.44
C ILE A 432 -18.01 -10.22 2.56
N GLY A 433 -18.96 -9.37 2.94
CA GLY A 433 -19.32 -8.18 2.18
C GLY A 433 -18.28 -7.19 1.67
N PRO A 434 -17.37 -6.72 2.54
CA PRO A 434 -16.34 -5.76 2.13
C PRO A 434 -15.51 -6.19 0.93
N VAL A 435 -15.36 -7.49 0.75
CA VAL A 435 -14.56 -8.05 -0.36
C VAL A 435 -15.37 -8.56 -1.53
N ALA A 436 -16.57 -9.07 -1.25
CA ALA A 436 -17.41 -9.67 -2.27
C ALA A 436 -18.55 -8.82 -2.84
N SER A 437 -19.05 -7.86 -2.07
CA SER A 437 -20.19 -7.05 -2.51
C SER A 437 -19.94 -5.93 -3.51
N GLY A 438 -18.67 -5.59 -3.74
CA GLY A 438 -18.37 -4.51 -4.65
C GLY A 438 -18.69 -3.21 -3.95
N GLY A 439 -18.83 -2.13 -4.70
CA GLY A 439 -19.14 -0.84 -4.09
C GLY A 439 -18.06 -0.36 -3.14
N ARG A 440 -18.47 0.03 -1.95
CA ARG A 440 -17.54 0.53 -0.94
C ARG A 440 -18.25 0.60 0.40
N PRO A 441 -17.90 -0.27 1.35
CA PRO A 441 -18.58 -0.19 2.64
C PRO A 441 -18.33 1.12 3.37
N SER A 442 -19.23 1.42 4.29
CA SER A 442 -19.18 2.64 5.08
C SER A 442 -18.22 2.45 6.26
N VAL A 443 -17.14 3.24 6.29
CA VAL A 443 -16.19 3.14 7.40
C VAL A 443 -16.68 3.96 8.59
N MET A 444 -17.36 3.29 9.51
CA MET A 444 -17.86 3.96 10.68
C MET A 444 -16.64 4.25 11.54
N ALA A 445 -15.61 3.41 11.37
CA ALA A 445 -14.39 3.60 12.15
C ALA A 445 -13.13 2.99 11.54
N LEU A 446 -12.08 3.81 11.48
CA LEU A 446 -10.77 3.37 10.99
C LEU A 446 -9.79 3.76 12.09
N PHE A 447 -8.94 2.83 12.50
CA PHE A 447 -7.94 3.07 13.53
C PHE A 447 -6.54 2.87 13.00
N SER A 448 -5.68 3.86 13.26
CA SER A 448 -4.30 3.78 12.87
C SER A 448 -3.48 4.07 14.11
N ALA A 449 -2.72 3.06 14.53
CA ALA A 449 -1.89 3.21 15.71
C ALA A 449 -2.78 3.61 16.90
N GLY A 450 -3.97 3.01 16.97
CA GLY A 450 -4.89 3.29 18.06
C GLY A 450 -5.62 4.62 18.03
N LYS A 451 -5.51 5.33 16.92
CA LYS A 451 -6.20 6.61 16.81
C LYS A 451 -7.27 6.52 15.75
N ARG A 452 -8.40 7.17 16.01
CA ARG A 452 -9.50 7.15 15.08
C ARG A 452 -9.32 8.17 13.96
N VAL A 453 -8.90 7.66 12.81
CA VAL A 453 -8.65 8.47 11.64
C VAL A 453 -9.93 8.75 10.89
N VAL A 454 -10.87 7.83 11.02
CA VAL A 454 -12.17 7.95 10.35
C VAL A 454 -13.35 7.69 11.27
N VAL A 455 -14.36 8.54 11.14
CA VAL A 455 -15.60 8.41 11.91
C VAL A 455 -16.73 8.61 10.91
N ASP A 456 -17.36 7.49 10.54
CA ASP A 456 -18.45 7.44 9.56
C ASP A 456 -18.05 8.20 8.30
N ASP A 457 -17.09 7.61 7.58
CA ASP A 457 -16.55 8.16 6.34
C ASP A 457 -16.02 9.59 6.46
N LEU A 458 -15.89 10.12 7.66
CA LEU A 458 -15.39 11.49 7.79
C LEU A 458 -13.97 11.57 8.33
N ILE A 459 -13.15 12.34 7.65
CA ILE A 459 -11.78 12.53 8.05
C ILE A 459 -11.56 13.98 8.42
N GLU A 460 -10.90 14.19 9.56
CA GLU A 460 -10.63 15.54 10.02
C GLU A 460 -9.66 16.26 9.09
N GLY A 461 -10.11 17.41 8.58
CA GLY A 461 -9.28 18.19 7.67
C GLY A 461 -9.70 18.07 6.20
N VAL A 462 -10.64 17.18 5.90
CA VAL A 462 -11.05 17.03 4.52
C VAL A 462 -12.45 17.54 4.25
N ASP A 463 -12.55 18.33 3.19
CA ASP A 463 -13.79 18.92 2.69
C ASP A 463 -13.90 18.32 1.29
N ILE A 464 -14.72 17.29 1.14
CA ILE A 464 -14.88 16.61 -0.13
C ILE A 464 -15.27 17.52 -1.30
N LYS A 465 -16.27 18.36 -1.11
CA LYS A 465 -16.69 19.25 -2.19
C LYS A 465 -15.56 20.17 -2.59
N GLU A 466 -14.84 20.64 -1.58
CA GLU A 466 -13.72 21.52 -1.79
C GLU A 466 -12.62 20.82 -2.57
N LEU A 467 -12.26 19.63 -2.09
CA LEU A 467 -11.23 18.85 -2.74
C LEU A 467 -11.69 18.54 -4.16
N GLY A 468 -13.00 18.44 -4.36
CA GLY A 468 -13.51 18.16 -5.68
C GLY A 468 -13.26 19.30 -6.64
N GLY A 469 -13.64 20.50 -6.21
CA GLY A 469 -13.44 21.67 -7.02
C GLY A 469 -11.99 21.95 -7.36
N GLU A 470 -11.09 21.69 -6.43
CA GLU A 470 -9.66 21.89 -6.66
C GLU A 470 -9.13 21.03 -7.78
N ALA A 471 -9.41 19.73 -7.69
CA ALA A 471 -8.96 18.77 -8.69
C ALA A 471 -9.54 19.09 -10.09
N ARG A 472 -10.83 19.43 -10.11
CA ARG A 472 -11.49 19.76 -11.36
C ARG A 472 -10.78 20.93 -12.04
N ARG A 473 -10.30 21.89 -11.24
CA ARG A 473 -9.61 23.07 -11.75
C ARG A 473 -8.22 22.73 -12.28
N VAL A 474 -7.45 22.04 -11.44
CA VAL A 474 -6.11 21.64 -11.80
C VAL A 474 -6.08 20.78 -13.05
N VAL A 475 -7.06 19.89 -13.19
CA VAL A 475 -7.13 19.01 -14.36
C VAL A 475 -7.32 19.87 -15.62
N ARG A 476 -8.15 20.91 -15.52
CA ARG A 476 -8.38 21.82 -16.64
C ARG A 476 -7.03 22.46 -17.00
N GLU A 477 -6.38 23.05 -16.00
CA GLU A 477 -5.08 23.69 -16.17
C GLU A 477 -4.16 22.70 -16.85
N LEU A 478 -4.07 21.52 -16.27
CA LEU A 478 -3.25 20.45 -16.80
C LEU A 478 -3.54 20.24 -18.27
N LEU A 479 -4.80 20.00 -18.57
CA LEU A 479 -5.21 19.77 -19.93
C LEU A 479 -4.81 20.93 -20.85
N ARG A 480 -4.96 22.16 -20.34
CA ARG A 480 -4.59 23.32 -21.15
C ARG A 480 -3.10 23.30 -21.45
N GLU A 481 -2.32 23.20 -20.38
CA GLU A 481 -0.89 23.19 -20.49
C GLU A 481 -0.26 22.16 -21.41
N VAL A 482 -0.77 20.94 -21.46
CA VAL A 482 -0.16 19.94 -22.35
C VAL A 482 -0.18 20.37 -23.82
N VAL A 483 -1.18 21.15 -24.22
CA VAL A 483 -1.26 21.60 -25.61
C VAL A 483 0.03 22.30 -26.01
N VAL A 484 0.63 23.02 -25.06
CA VAL A 484 1.89 23.74 -25.28
C VAL A 484 3.03 22.73 -25.39
ZN ZN B . 3.45 0.53 -10.78
#